data_2CTS
#
_entry.id   2CTS
#
_cell.length_a   104.140
_cell.length_b   78.250
_cell.length_c   58.400
_cell.angle_alpha   90.00
_cell.angle_beta   78.50
_cell.angle_gamma   90.00
#
_symmetry.space_group_name_H-M   'C 1 2 1'
#
loop_
_entity.id
_entity.type
_entity.pdbx_description
1 polymer 'CITRATE SYNTHASE'
2 non-polymer 'COENZYME A'
3 non-polymer 'CITRIC ACID'
4 water water
#
_entity_poly.entity_id   1
_entity_poly.type   'polypeptide(L)'
_entity_poly.pdbx_seq_one_letter_code
;ASSTNLKDILADLIPKEQARIKTFRQQHGNTAVGQITVDMMYGGMRGMKGLVYETSVLDPDEGIRFRGYSIPECQKMLPK
AKGGEEPLPEGLFWLLVTGQIPTEEQVSWLSKEWAKRAALPSHVVTMLDNFPTNLHPMSQLSAAITALNSESNFARAYAE
GIHRTKYWELIYEDCMDLIAKLPCVAAKIYRNLYREGSSIGAIDSKLDWSHNFTNMLGYTDAQFTELMRLYLTIHSDHEG
GNVSAHTSHLVGSALSDPYLSFAAAMNGLAGPLHGLANQEVLVWLTQLQKEVGKDVSDEKLRDYIWNTLNSGRVVPGYGH
AVLRKTDPRYTCQREFALKHLPHDPMFKLVAQLYKIVPNVLLEQGKAKNPWPNVDAHSGVLLQYYGMTEMNYYTVLFGVS
RALGVLAQLIWSRALGFPLERPKSMSTDGLIKLVDSK
;
_entity_poly.pdbx_strand_id   A
#
# COMPACT_ATOMS: atom_id res chain seq x y z
N ALA A 1 5.06 -21.56 -30.01
CA ALA A 1 6.17 -20.62 -30.19
C ALA A 1 6.58 -19.93 -28.90
N SER A 2 7.73 -19.26 -28.99
CA SER A 2 8.21 -18.16 -28.14
C SER A 2 8.32 -18.43 -26.64
N SER A 3 8.38 -17.33 -25.85
CA SER A 3 8.67 -17.15 -24.38
C SER A 3 7.65 -16.32 -23.57
N THR A 4 8.06 -15.59 -22.51
CA THR A 4 7.17 -14.95 -21.46
C THR A 4 6.74 -13.48 -21.69
N ASN A 5 5.53 -13.10 -21.28
CA ASN A 5 4.99 -11.73 -21.44
C ASN A 5 3.58 -11.60 -20.85
N LEU A 6 3.47 -11.00 -19.69
CA LEU A 6 2.21 -10.72 -18.99
C LEU A 6 1.14 -10.01 -19.85
N LYS A 7 1.51 -9.09 -20.72
CA LYS A 7 0.46 -8.38 -21.49
C LYS A 7 -0.36 -9.28 -22.41
N ASP A 8 0.18 -10.46 -22.76
CA ASP A 8 -0.49 -11.47 -23.61
C ASP A 8 -1.38 -12.39 -22.81
N ILE A 9 -0.89 -12.71 -21.65
CA ILE A 9 -1.68 -13.40 -20.66
C ILE A 9 -2.87 -12.55 -20.24
N LEU A 10 -2.64 -11.27 -20.01
CA LEU A 10 -3.75 -10.31 -19.88
C LEU A 10 -4.69 -10.33 -21.09
N ALA A 11 -4.11 -10.32 -22.26
CA ALA A 11 -4.92 -10.18 -23.47
C ALA A 11 -5.86 -11.35 -23.59
N ASP A 12 -5.45 -12.42 -22.97
CA ASP A 12 -6.23 -13.66 -23.07
C ASP A 12 -7.34 -13.71 -22.04
N LEU A 13 -7.02 -13.23 -20.87
CA LEU A 13 -7.87 -13.17 -19.66
C LEU A 13 -9.09 -12.25 -19.78
N ILE A 14 -8.79 -11.01 -20.11
CA ILE A 14 -9.76 -9.91 -20.19
C ILE A 14 -11.09 -10.23 -20.88
N PRO A 15 -11.11 -10.84 -22.05
CA PRO A 15 -12.40 -11.06 -22.71
C PRO A 15 -13.28 -12.05 -21.96
N LYS A 16 -12.62 -13.01 -21.35
CA LYS A 16 -13.31 -14.04 -20.59
C LYS A 16 -14.01 -13.37 -19.41
N GLU A 17 -13.31 -12.42 -18.83
CA GLU A 17 -13.85 -11.73 -17.66
C GLU A 17 -14.94 -10.74 -18.06
N GLN A 18 -14.69 -10.16 -19.20
CA GLN A 18 -15.61 -9.18 -19.73
C GLN A 18 -16.98 -9.78 -20.00
N ALA A 19 -16.96 -11.08 -20.15
CA ALA A 19 -18.16 -11.78 -20.57
C ALA A 19 -18.89 -12.25 -19.33
N ARG A 20 -18.06 -12.78 -18.48
CA ARG A 20 -18.40 -13.24 -17.14
C ARG A 20 -19.19 -12.21 -16.32
N ILE A 21 -18.66 -11.00 -16.25
CA ILE A 21 -19.33 -9.91 -15.55
C ILE A 21 -20.64 -9.51 -16.25
N LYS A 22 -20.66 -9.55 -17.59
CA LYS A 22 -21.87 -9.09 -18.30
C LYS A 22 -23.10 -9.99 -18.21
N THR A 23 -22.86 -11.29 -18.20
CA THR A 23 -23.86 -12.28 -17.83
C THR A 23 -24.36 -12.11 -16.40
N PHE A 24 -23.40 -12.00 -15.50
CA PHE A 24 -23.66 -11.82 -14.07
C PHE A 24 -24.54 -10.59 -13.88
N ARG A 25 -24.19 -9.56 -14.60
CA ARG A 25 -24.91 -8.30 -14.37
C ARG A 25 -26.25 -8.32 -15.07
N GLN A 26 -26.30 -9.06 -16.15
CA GLN A 26 -27.52 -9.10 -16.97
C GLN A 26 -28.65 -9.86 -16.31
N GLN A 27 -28.27 -10.50 -15.25
CA GLN A 27 -29.08 -11.46 -14.53
C GLN A 27 -29.19 -10.97 -13.09
N HIS A 28 -28.09 -10.58 -12.53
CA HIS A 28 -28.12 -10.15 -11.13
C HIS A 28 -27.86 -8.68 -10.81
N GLY A 29 -27.81 -7.83 -11.81
CA GLY A 29 -27.58 -6.41 -11.53
C GLY A 29 -28.65 -5.74 -10.65
N ASN A 30 -29.86 -6.24 -10.63
CA ASN A 30 -30.99 -5.61 -9.91
C ASN A 30 -30.87 -5.80 -8.41
N THR A 31 -30.22 -6.87 -8.06
CA THR A 31 -30.16 -7.38 -6.71
C THR A 31 -29.64 -6.40 -5.66
N ALA A 32 -30.51 -6.10 -4.74
CA ALA A 32 -30.14 -5.36 -3.55
C ALA A 32 -29.04 -6.11 -2.79
N VAL A 33 -27.86 -5.54 -2.78
CA VAL A 33 -26.67 -6.13 -2.15
C VAL A 33 -26.49 -5.63 -0.72
N GLY A 34 -27.23 -4.58 -0.45
CA GLY A 34 -27.19 -3.94 0.86
C GLY A 34 -27.91 -2.60 0.87
N GLN A 35 -28.09 -2.04 2.04
CA GLN A 35 -28.88 -0.81 2.19
C GLN A 35 -28.03 0.31 2.77
N ILE A 36 -28.44 1.52 2.52
CA ILE A 36 -27.75 2.65 3.11
C ILE A 36 -28.53 3.36 4.21
N THR A 37 -27.94 3.44 5.38
CA THR A 37 -28.53 4.20 6.49
C THR A 37 -27.83 5.54 6.58
N VAL A 38 -28.38 6.42 7.37
CA VAL A 38 -27.90 7.79 7.52
C VAL A 38 -26.63 7.95 8.34
N ASP A 39 -26.52 7.07 9.30
CA ASP A 39 -25.27 6.86 9.99
C ASP A 39 -24.17 6.44 9.05
N MET A 40 -24.56 5.69 8.04
CA MET A 40 -23.53 5.24 7.10
C MET A 40 -22.96 6.39 6.31
N MET A 41 -23.83 7.34 6.03
CA MET A 41 -23.51 8.57 5.29
C MET A 41 -22.69 9.58 6.07
N TYR A 42 -22.90 9.59 7.38
CA TYR A 42 -22.12 10.42 8.34
C TYR A 42 -20.89 9.70 8.87
N GLY A 43 -20.86 8.38 8.72
CA GLY A 43 -19.74 7.56 9.21
C GLY A 43 -18.71 7.25 8.13
N GLY A 44 -18.66 8.04 7.08
CA GLY A 44 -17.65 7.80 6.03
C GLY A 44 -17.80 6.44 5.35
N MET A 45 -19.00 6.12 4.92
CA MET A 45 -19.30 4.83 4.28
C MET A 45 -18.92 3.60 5.13
N ARG A 46 -18.94 3.75 6.44
CA ARG A 46 -18.68 2.58 7.29
C ARG A 46 -19.74 1.48 7.24
N GLY A 47 -19.43 0.40 6.56
CA GLY A 47 -20.39 -0.68 6.38
C GLY A 47 -20.76 -0.86 4.91
N MET A 48 -20.71 0.26 4.20
CA MET A 48 -21.06 0.34 2.77
C MET A 48 -20.20 -0.57 1.90
N LYS A 49 -20.90 -1.41 1.18
CA LYS A 49 -20.36 -2.10 0.01
C LYS A 49 -20.39 -1.18 -1.21
N GLY A 50 -19.28 -0.48 -1.43
CA GLY A 50 -19.09 0.63 -2.37
C GLY A 50 -18.73 0.22 -3.79
N LEU A 51 -17.71 -0.60 -3.89
CA LEU A 51 -16.94 -0.89 -5.10
C LEU A 51 -16.88 -2.37 -5.39
N VAL A 52 -16.49 -2.61 -6.63
CA VAL A 52 -15.84 -3.85 -7.05
C VAL A 52 -14.36 -3.67 -7.33
N TYR A 53 -13.60 -4.47 -6.62
CA TYR A 53 -12.14 -4.40 -6.55
C TYR A 53 -11.50 -5.78 -6.52
N GLU A 54 -10.89 -6.12 -7.60
CA GLU A 54 -10.65 -7.54 -7.78
C GLU A 54 -9.43 -8.16 -7.13
N THR A 55 -8.41 -7.37 -7.06
CA THR A 55 -7.10 -7.96 -6.76
C THR A 55 -6.91 -8.43 -5.34
N SER A 56 -7.81 -8.13 -4.44
CA SER A 56 -7.82 -8.68 -3.09
C SER A 56 -9.11 -8.39 -2.36
N VAL A 57 -9.35 -9.06 -1.25
CA VAL A 57 -10.55 -8.81 -0.43
C VAL A 57 -10.26 -8.89 1.05
N LEU A 58 -10.79 -7.96 1.82
CA LEU A 58 -10.54 -7.96 3.27
C LEU A 58 -11.68 -8.57 4.07
N ASP A 59 -11.29 -9.60 4.76
CA ASP A 59 -12.13 -10.22 5.77
C ASP A 59 -11.91 -9.66 7.17
N PRO A 60 -12.98 -9.31 7.83
CA PRO A 60 -12.95 -8.75 9.20
C PRO A 60 -12.34 -9.61 10.31
N ASP A 61 -12.40 -10.92 10.17
CA ASP A 61 -11.79 -11.89 11.08
C ASP A 61 -10.49 -12.46 10.54
N GLU A 62 -10.53 -12.89 9.31
CA GLU A 62 -9.36 -13.53 8.72
C GLU A 62 -8.34 -12.48 8.28
N GLY A 63 -8.83 -11.42 7.71
CA GLY A 63 -7.89 -10.45 7.13
C GLY A 63 -7.69 -10.76 5.66
N ILE A 64 -6.69 -10.15 5.03
CA ILE A 64 -6.67 -10.04 3.55
C ILE A 64 -6.44 -11.35 2.82
N ARG A 65 -6.99 -11.39 1.63
CA ARG A 65 -6.77 -12.46 0.67
C ARG A 65 -6.45 -11.94 -0.72
N PHE A 66 -5.38 -12.46 -1.27
CA PHE A 66 -4.88 -11.94 -2.54
C PHE A 66 -5.51 -12.63 -3.77
N ARG A 67 -5.96 -13.82 -3.59
CA ARG A 67 -7.01 -14.33 -4.50
C ARG A 67 -8.15 -14.87 -3.65
N GLY A 68 -7.78 -15.99 -3.10
CA GLY A 68 -8.21 -16.48 -1.81
C GLY A 68 -6.92 -16.85 -1.09
N TYR A 69 -5.86 -16.16 -1.49
CA TYR A 69 -4.52 -16.42 -0.92
C TYR A 69 -4.12 -15.56 0.27
N SER A 70 -4.14 -16.22 1.38
CA SER A 70 -3.80 -15.59 2.63
C SER A 70 -2.30 -15.37 2.67
N ILE A 71 -1.89 -14.45 3.48
CA ILE A 71 -0.47 -14.21 3.68
C ILE A 71 0.39 -15.43 3.99
N PRO A 72 0.01 -16.33 4.91
CA PRO A 72 0.68 -17.64 5.03
C PRO A 72 0.76 -18.43 3.74
N GLU A 73 -0.33 -18.43 2.99
CA GLU A 73 -0.33 -19.09 1.67
C GLU A 73 0.65 -18.49 0.67
N CYS A 74 0.72 -17.17 0.66
CA CYS A 74 1.68 -16.44 -0.19
C CYS A 74 3.12 -16.70 0.20
N GLN A 75 3.34 -16.66 1.50
CA GLN A 75 4.63 -17.04 2.08
C GLN A 75 5.16 -18.38 1.57
N LYS A 76 4.31 -19.35 1.38
CA LYS A 76 4.92 -20.62 0.97
C LYS A 76 4.92 -20.87 -0.54
N MET A 77 4.00 -20.25 -1.27
CA MET A 77 3.85 -20.57 -2.70
C MET A 77 4.61 -19.68 -3.69
N LEU A 78 4.65 -18.41 -3.40
CA LEU A 78 5.34 -17.47 -4.29
C LEU A 78 6.85 -17.68 -4.30
N PRO A 79 7.46 -17.58 -5.48
CA PRO A 79 8.92 -17.67 -5.73
C PRO A 79 9.78 -16.75 -4.89
N LYS A 80 10.73 -17.38 -4.31
CA LYS A 80 11.52 -16.66 -3.41
C LYS A 80 12.74 -16.34 -4.14
N ALA A 81 13.54 -15.89 -3.30
CA ALA A 81 14.43 -15.26 -4.11
C ALA A 81 15.71 -15.99 -4.30
N LYS A 82 15.68 -17.12 -4.98
CA LYS A 82 16.92 -17.74 -5.48
C LYS A 82 18.04 -17.72 -4.43
N GLY A 83 17.71 -18.14 -3.22
CA GLY A 83 18.55 -18.06 -2.01
C GLY A 83 18.00 -17.13 -0.93
N GLY A 84 16.72 -17.26 -0.62
CA GLY A 84 15.99 -16.44 0.37
C GLY A 84 14.83 -17.18 1.03
N GLU A 85 14.06 -16.49 1.83
CA GLU A 85 12.96 -17.12 2.56
C GLU A 85 11.69 -16.30 2.54
N GLU A 86 11.77 -15.04 2.07
CA GLU A 86 10.62 -14.13 1.81
C GLU A 86 10.15 -14.11 0.36
N PRO A 87 8.83 -14.05 0.15
CA PRO A 87 8.27 -13.89 -1.19
C PRO A 87 8.84 -12.67 -1.92
N LEU A 88 9.19 -12.86 -3.18
CA LEU A 88 9.55 -11.75 -4.08
C LEU A 88 8.28 -10.98 -4.40
N PRO A 89 8.27 -9.69 -4.16
CA PRO A 89 7.14 -8.81 -4.47
C PRO A 89 6.63 -8.94 -5.89
N GLU A 90 7.56 -9.22 -6.81
CA GLU A 90 7.28 -9.45 -8.24
C GLU A 90 6.18 -10.49 -8.39
N GLY A 91 6.33 -11.57 -7.71
CA GLY A 91 5.34 -12.60 -8.00
C GLY A 91 4.05 -12.36 -7.25
N LEU A 92 4.11 -11.46 -6.29
CA LEU A 92 2.82 -11.01 -5.78
C LEU A 92 2.09 -10.20 -6.83
N PHE A 93 2.84 -9.39 -7.54
CA PHE A 93 2.23 -8.58 -8.60
C PHE A 93 1.59 -9.46 -9.67
N TRP A 94 2.25 -10.55 -10.01
CA TRP A 94 1.79 -11.44 -11.09
C TRP A 94 0.48 -12.13 -10.69
N LEU A 95 0.51 -12.64 -9.46
CA LEU A 95 -0.68 -13.13 -8.76
C LEU A 95 -1.78 -12.09 -8.85
N LEU A 96 -1.49 -10.87 -8.46
CA LEU A 96 -2.58 -9.90 -8.40
C LEU A 96 -3.24 -9.62 -9.73
N VAL A 97 -2.41 -9.38 -10.71
CA VAL A 97 -2.83 -9.08 -12.08
C VAL A 97 -3.55 -10.27 -12.69
N THR A 98 -2.94 -11.41 -12.51
CA THR A 98 -3.30 -12.57 -13.33
C THR A 98 -4.13 -13.63 -12.62
N GLY A 99 -4.16 -13.54 -11.29
CA GLY A 99 -4.93 -14.42 -10.38
C GLY A 99 -4.17 -15.74 -10.17
N GLN A 100 -3.13 -15.85 -10.94
CA GLN A 100 -2.36 -17.07 -10.90
C GLN A 100 -1.08 -16.88 -10.12
N ILE A 101 -0.68 -17.93 -9.47
CA ILE A 101 0.66 -18.04 -8.90
C ILE A 101 1.69 -18.28 -9.97
N PRO A 102 2.53 -17.29 -10.06
CA PRO A 102 3.70 -17.29 -10.93
C PRO A 102 4.59 -18.49 -10.67
N THR A 103 5.26 -18.74 -11.74
CA THR A 103 6.40 -19.59 -11.98
C THR A 103 7.68 -18.75 -11.92
N GLU A 104 8.73 -19.37 -11.41
CA GLU A 104 10.06 -18.77 -11.22
C GLU A 104 10.45 -17.92 -12.42
N GLU A 105 10.30 -18.56 -13.54
CA GLU A 105 10.49 -18.04 -14.89
C GLU A 105 9.67 -16.80 -15.23
N GLN A 106 8.42 -16.74 -14.75
CA GLN A 106 7.59 -15.54 -14.92
C GLN A 106 8.24 -14.39 -14.17
N VAL A 107 8.75 -14.74 -13.03
CA VAL A 107 9.15 -13.73 -12.08
C VAL A 107 10.47 -13.07 -12.42
N SER A 108 11.40 -13.86 -12.99
CA SER A 108 12.64 -13.32 -13.59
C SER A 108 12.34 -12.34 -14.72
N TRP A 109 11.28 -12.63 -15.43
CA TRP A 109 10.88 -11.74 -16.52
C TRP A 109 10.42 -10.38 -16.00
N LEU A 110 9.57 -10.43 -14.98
CA LEU A 110 9.09 -9.27 -14.17
C LEU A 110 10.24 -8.42 -13.62
N SER A 111 11.13 -9.07 -12.89
CA SER A 111 12.39 -8.52 -12.39
C SER A 111 13.19 -7.79 -13.45
N LYS A 112 13.39 -8.48 -14.54
CA LYS A 112 14.22 -7.93 -15.60
C LYS A 112 13.56 -6.84 -16.44
N GLU A 113 12.25 -6.88 -16.46
CA GLU A 113 11.47 -5.96 -17.25
C GLU A 113 11.37 -4.66 -16.45
N TRP A 114 11.26 -4.82 -15.15
CA TRP A 114 11.19 -3.66 -14.25
C TRP A 114 12.53 -2.97 -14.22
N ALA A 115 13.52 -3.78 -14.41
CA ALA A 115 14.84 -3.20 -14.51
C ALA A 115 15.04 -2.40 -15.79
N LYS A 116 14.55 -2.95 -16.91
CA LYS A 116 14.55 -2.26 -18.21
C LYS A 116 13.92 -0.88 -18.19
N ARG A 117 12.89 -0.75 -17.41
CA ARG A 117 12.02 0.41 -17.61
C ARG A 117 12.45 1.53 -16.65
N ALA A 118 13.36 1.13 -15.79
CA ALA A 118 13.74 1.95 -14.64
C ALA A 118 14.74 3.06 -14.96
N ALA A 119 14.16 4.17 -15.41
CA ALA A 119 14.82 5.48 -15.68
C ALA A 119 13.98 6.69 -15.29
N LEU A 120 14.66 7.72 -14.85
CA LEU A 120 14.06 9.01 -14.48
C LEU A 120 14.50 10.16 -15.38
N PRO A 121 13.48 10.88 -15.87
CA PRO A 121 13.62 12.07 -16.71
C PRO A 121 14.32 13.19 -15.96
N SER A 122 15.20 13.81 -16.67
CA SER A 122 16.00 14.92 -16.20
C SER A 122 15.28 15.96 -15.33
N HIS A 123 14.05 16.27 -15.66
CA HIS A 123 13.32 17.27 -14.87
C HIS A 123 12.91 16.79 -13.48
N VAL A 124 12.71 15.50 -13.36
CA VAL A 124 12.26 14.92 -12.08
C VAL A 124 13.43 14.73 -11.14
N VAL A 125 14.50 14.52 -11.82
CA VAL A 125 15.80 14.49 -11.18
C VAL A 125 16.24 15.88 -10.76
N THR A 126 15.83 16.88 -11.52
CA THR A 126 16.03 18.29 -11.15
C THR A 126 15.28 18.77 -9.92
N MET A 127 13.99 18.58 -9.98
CA MET A 127 13.03 18.91 -8.93
C MET A 127 13.45 18.25 -7.63
N LEU A 128 13.87 17.02 -7.77
CA LEU A 128 14.21 16.24 -6.59
C LEU A 128 15.39 16.83 -5.84
N ASP A 129 16.35 17.23 -6.65
CA ASP A 129 17.60 17.87 -6.22
C ASP A 129 17.44 19.23 -5.56
N ASN A 130 16.51 20.00 -6.05
CA ASN A 130 16.19 21.30 -5.44
C ASN A 130 15.26 21.25 -4.23
N PHE A 131 14.51 20.16 -4.04
CA PHE A 131 13.58 20.13 -2.89
C PHE A 131 14.27 20.43 -1.57
N PRO A 132 13.63 21.33 -0.86
CA PRO A 132 13.87 21.70 0.55
C PRO A 132 13.93 20.48 1.48
N THR A 133 14.61 20.61 2.60
CA THR A 133 14.91 19.48 3.47
C THR A 133 13.93 19.35 4.64
N ASN A 134 13.10 20.36 4.70
CA ASN A 134 11.91 20.26 5.55
C ASN A 134 10.66 19.90 4.76
N LEU A 135 10.80 19.52 3.51
CA LEU A 135 9.65 18.98 2.76
C LEU A 135 9.57 17.46 2.90
N HIS A 136 8.48 17.06 3.49
CA HIS A 136 8.24 15.69 3.94
C HIS A 136 8.39 14.72 2.79
N PRO A 137 9.05 13.62 3.04
CA PRO A 137 9.36 12.60 2.02
C PRO A 137 8.18 12.15 1.16
N MET A 138 7.02 12.16 1.79
CA MET A 138 5.75 11.82 1.15
C MET A 138 5.38 12.90 0.19
N SER A 139 5.59 14.16 0.60
CA SER A 139 5.33 15.31 -0.26
C SER A 139 6.30 15.31 -1.41
N GLN A 140 7.51 15.02 -1.08
CA GLN A 140 8.45 14.87 -2.16
C GLN A 140 8.08 13.76 -3.14
N LEU A 141 7.53 12.66 -2.66
CA LEU A 141 7.28 11.50 -3.54
C LEU A 141 6.18 11.82 -4.55
N SER A 142 5.07 12.15 -3.97
CA SER A 142 3.84 12.59 -4.62
C SER A 142 4.05 13.61 -5.73
N ALA A 143 4.73 14.69 -5.40
CA ALA A 143 5.10 15.75 -6.36
C ALA A 143 5.81 15.17 -7.58
N ALA A 144 6.70 14.27 -7.28
CA ALA A 144 7.56 13.70 -8.31
C ALA A 144 6.76 12.88 -9.33
N ILE A 145 5.73 12.28 -8.81
CA ILE A 145 4.99 11.28 -9.55
C ILE A 145 3.91 11.93 -10.39
N THR A 146 3.45 13.04 -9.85
CA THR A 146 2.64 13.96 -10.64
C THR A 146 3.42 14.56 -11.82
N ALA A 147 4.67 14.96 -11.56
CA ALA A 147 5.65 15.48 -12.55
C ALA A 147 6.04 14.48 -13.65
N LEU A 148 6.10 13.22 -13.27
CA LEU A 148 6.43 12.12 -14.20
C LEU A 148 5.37 11.85 -15.27
N ASN A 149 4.19 12.49 -15.14
CA ASN A 149 2.98 12.22 -15.96
C ASN A 149 3.13 12.68 -17.42
N SER A 150 4.11 13.54 -17.51
CA SER A 150 4.72 14.08 -18.71
C SER A 150 5.02 12.95 -19.69
N GLU A 151 5.42 11.88 -19.05
CA GLU A 151 5.90 10.69 -19.73
C GLU A 151 4.86 9.59 -19.85
N SER A 152 3.62 9.91 -19.53
CA SER A 152 2.52 8.95 -19.75
C SER A 152 2.10 8.61 -21.18
N ASN A 153 2.10 7.33 -21.46
CA ASN A 153 1.75 6.80 -22.79
C ASN A 153 0.24 6.80 -22.94
N PHE A 154 -0.37 6.61 -21.81
CA PHE A 154 -1.82 6.69 -21.78
C PHE A 154 -2.25 8.08 -22.21
N ALA A 155 -1.74 9.05 -21.49
CA ALA A 155 -2.19 10.43 -21.60
C ALA A 155 -2.01 10.97 -23.01
N ARG A 156 -1.07 10.34 -23.70
CA ARG A 156 -0.73 10.67 -25.09
C ARG A 156 -1.54 9.88 -26.11
N ALA A 157 -1.82 8.63 -25.84
CA ALA A 157 -2.78 7.93 -26.69
C ALA A 157 -4.21 8.50 -26.57
N TYR A 158 -4.50 9.03 -25.40
CA TYR A 158 -5.84 9.59 -25.16
C TYR A 158 -6.08 10.92 -25.88
N ALA A 159 -5.09 11.77 -25.83
CA ALA A 159 -5.04 13.02 -26.60
C ALA A 159 -5.10 12.77 -28.11
N GLU A 160 -4.65 11.60 -28.49
CA GLU A 160 -4.69 11.24 -29.90
C GLU A 160 -5.87 10.33 -30.20
N GLY A 161 -6.89 10.45 -29.37
CA GLY A 161 -8.17 9.74 -29.52
C GLY A 161 -8.09 8.27 -29.94
N ILE A 162 -7.49 7.45 -29.12
CA ILE A 162 -7.74 6.01 -29.25
C ILE A 162 -9.16 5.57 -28.94
N HIS A 163 -9.40 4.37 -29.41
CA HIS A 163 -10.58 3.60 -29.06
C HIS A 163 -10.55 3.08 -27.64
N ARG A 164 -11.60 3.42 -26.91
CA ARG A 164 -11.84 3.08 -25.51
C ARG A 164 -11.35 1.67 -25.22
N THR A 165 -11.63 0.85 -26.16
CA THR A 165 -11.33 -0.54 -26.01
C THR A 165 -9.85 -0.88 -25.92
N LYS A 166 -8.96 0.01 -26.26
CA LYS A 166 -7.53 -0.29 -26.04
C LYS A 166 -6.89 0.44 -24.86
N TYR A 167 -7.70 1.13 -24.09
CA TYR A 167 -7.19 1.85 -22.89
C TYR A 167 -6.23 0.99 -22.05
N TRP A 168 -6.67 -0.20 -21.67
CA TRP A 168 -5.90 -1.07 -20.77
C TRP A 168 -4.44 -1.29 -21.15
N GLU A 169 -4.23 -1.44 -22.44
CA GLU A 169 -2.95 -1.79 -23.03
C GLU A 169 -1.90 -0.71 -22.80
N LEU A 170 -2.34 0.54 -22.77
CA LEU A 170 -1.58 1.77 -22.49
C LEU A 170 -1.44 2.05 -21.00
N ILE A 171 -2.52 1.78 -20.33
CA ILE A 171 -2.53 1.85 -18.88
C ILE A 171 -1.64 0.75 -18.31
N TYR A 172 -1.37 -0.27 -19.11
CA TYR A 172 -0.45 -1.30 -18.66
C TYR A 172 1.00 -0.87 -18.83
N GLU A 173 1.29 -0.12 -19.86
CA GLU A 173 2.67 0.35 -20.11
C GLU A 173 3.27 1.30 -19.07
N ASP A 174 2.55 2.40 -18.84
CA ASP A 174 2.59 3.37 -17.73
C ASP A 174 2.65 2.67 -16.38
N CYS A 175 1.76 1.69 -16.09
CA CYS A 175 1.86 1.05 -14.76
C CYS A 175 3.18 0.31 -14.55
N MET A 176 3.57 -0.36 -15.59
CA MET A 176 4.78 -1.16 -15.53
C MET A 176 5.98 -0.25 -15.46
N ASP A 177 5.85 0.97 -16.01
CA ASP A 177 6.92 1.99 -16.01
C ASP A 177 6.97 2.78 -14.72
N LEU A 178 5.79 3.05 -14.19
CA LEU A 178 5.65 3.66 -12.88
C LEU A 178 6.35 2.77 -11.87
N ILE A 179 5.99 1.50 -11.87
CA ILE A 179 6.53 0.60 -10.84
C ILE A 179 8.04 0.43 -10.87
N ALA A 180 8.55 0.41 -12.07
CA ALA A 180 9.98 0.42 -12.30
C ALA A 180 10.68 1.69 -11.82
N LYS A 181 10.09 2.83 -12.08
CA LYS A 181 10.73 4.09 -11.70
C LYS A 181 10.74 4.31 -10.20
N LEU A 182 9.62 3.99 -9.61
CA LEU A 182 9.29 4.31 -8.22
C LEU A 182 10.45 4.19 -7.23
N PRO A 183 11.12 3.06 -7.12
CA PRO A 183 12.27 2.95 -6.22
C PRO A 183 13.43 3.85 -6.65
N CYS A 184 13.45 4.31 -7.87
CA CYS A 184 14.47 5.32 -8.21
C CYS A 184 14.09 6.69 -7.65
N VAL A 185 12.77 7.00 -7.59
CA VAL A 185 12.29 8.26 -6.98
C VAL A 185 12.50 8.21 -5.48
N ALA A 186 12.15 7.09 -4.95
CA ALA A 186 12.16 6.89 -3.52
C ALA A 186 13.59 6.85 -3.00
N ALA A 187 14.43 6.24 -3.74
CA ALA A 187 15.79 6.13 -3.26
C ALA A 187 16.62 7.39 -3.51
N LYS A 188 16.16 8.17 -4.46
CA LYS A 188 16.71 9.51 -4.64
C LYS A 188 16.35 10.46 -3.48
N ILE A 189 15.14 10.30 -3.00
CA ILE A 189 14.72 11.06 -1.83
C ILE A 189 15.48 10.70 -0.56
N TYR A 190 15.54 9.42 -0.34
CA TYR A 190 16.22 8.96 0.88
C TYR A 190 17.66 9.45 0.85
N ARG A 191 18.22 9.44 -0.34
CA ARG A 191 19.63 9.76 -0.61
C ARG A 191 19.86 11.27 -0.51
N ASN A 192 18.95 12.06 -1.01
CA ASN A 192 19.20 13.50 -0.85
C ASN A 192 19.12 13.96 0.59
N LEU A 193 18.14 13.43 1.23
CA LEU A 193 17.72 13.96 2.51
C LEU A 193 18.62 13.44 3.63
N TYR A 194 18.98 12.19 3.52
CA TYR A 194 19.66 11.52 4.62
C TYR A 194 21.07 11.07 4.25
N ARG A 195 21.43 11.21 3.00
CA ARG A 195 22.76 10.70 2.68
C ARG A 195 23.59 11.65 1.84
N GLU A 196 23.40 12.93 2.11
CA GLU A 196 23.79 14.09 1.28
C GLU A 196 25.12 13.91 0.58
N GLY A 197 25.14 13.95 -0.71
CA GLY A 197 26.44 13.90 -1.37
C GLY A 197 26.58 12.65 -2.20
N SER A 198 25.81 11.65 -1.83
CA SER A 198 26.04 10.34 -2.44
C SER A 198 25.02 10.12 -3.55
N SER A 199 25.25 9.19 -4.46
CA SER A 199 24.32 8.86 -5.56
C SER A 199 23.62 7.49 -5.46
N ILE A 200 22.42 7.37 -5.99
CA ILE A 200 21.68 6.09 -6.04
C ILE A 200 22.27 5.02 -6.95
N GLY A 201 23.15 5.43 -7.84
CA GLY A 201 23.95 4.45 -8.58
C GLY A 201 23.08 3.74 -9.61
N ALA A 202 23.55 2.63 -10.13
CA ALA A 202 22.91 1.96 -11.28
C ALA A 202 22.09 0.73 -10.91
N ILE A 203 20.92 0.62 -11.52
CA ILE A 203 20.12 -0.59 -11.49
C ILE A 203 20.78 -1.65 -12.37
N ASP A 204 20.92 -2.81 -11.76
CA ASP A 204 21.50 -4.05 -12.29
C ASP A 204 20.37 -5.01 -12.67
N SER A 205 20.27 -5.25 -13.96
CA SER A 205 19.34 -6.19 -14.58
C SER A 205 19.32 -7.61 -14.04
N LYS A 206 20.31 -7.95 -13.23
CA LYS A 206 20.35 -9.32 -12.68
C LYS A 206 19.75 -9.47 -11.28
N LEU A 207 19.46 -8.34 -10.66
CA LEU A 207 18.83 -8.32 -9.31
C LEU A 207 17.32 -8.28 -9.36
N ASP A 208 16.67 -8.66 -8.28
CA ASP A 208 15.25 -8.37 -8.10
C ASP A 208 15.00 -6.95 -7.61
N TRP A 209 13.83 -6.46 -7.91
CA TRP A 209 13.34 -5.11 -7.58
C TRP A 209 13.68 -4.72 -6.14
N SER A 210 13.56 -5.67 -5.24
CA SER A 210 13.78 -5.37 -3.82
C SER A 210 15.21 -5.04 -3.51
N HIS A 211 16.07 -5.79 -4.15
CA HIS A 211 17.53 -5.75 -3.99
C HIS A 211 18.17 -4.52 -4.63
N ASN A 212 17.71 -4.19 -5.81
CA ASN A 212 18.13 -2.96 -6.47
C ASN A 212 17.69 -1.76 -5.61
N PHE A 213 16.55 -1.93 -4.95
CA PHE A 213 16.02 -0.88 -4.07
C PHE A 213 16.91 -0.62 -2.86
N THR A 214 17.21 -1.69 -2.15
CA THR A 214 18.08 -1.66 -0.98
C THR A 214 19.50 -1.22 -1.30
N ASN A 215 19.92 -1.56 -2.51
CA ASN A 215 21.23 -1.12 -3.00
C ASN A 215 21.20 0.38 -3.23
N MET A 216 20.10 0.87 -3.77
CA MET A 216 20.02 2.32 -4.01
C MET A 216 19.82 3.10 -2.73
N LEU A 217 19.22 2.46 -1.75
CA LEU A 217 19.12 3.01 -0.40
C LEU A 217 20.48 2.97 0.27
N GLY A 218 21.32 2.04 -0.14
CA GLY A 218 22.65 1.96 0.48
C GLY A 218 22.78 0.94 1.60
N TYR A 219 21.88 0.00 1.63
CA TYR A 219 21.85 -1.06 2.66
C TYR A 219 22.50 -2.34 2.18
N THR A 220 23.46 -2.84 2.92
CA THR A 220 24.21 -4.00 2.45
C THR A 220 23.73 -5.26 3.14
N ASP A 221 23.10 -5.06 4.29
CA ASP A 221 22.73 -6.18 5.14
C ASP A 221 21.83 -7.08 4.34
N ALA A 222 22.27 -8.31 4.19
CA ALA A 222 21.51 -9.36 3.54
C ALA A 222 20.10 -9.45 4.09
N GLN A 223 19.95 -9.43 5.41
CA GLN A 223 18.63 -9.64 5.97
C GLN A 223 17.74 -8.45 5.79
N PHE A 224 18.36 -7.30 5.68
CA PHE A 224 17.54 -6.14 5.38
C PHE A 224 16.78 -6.33 4.07
N THR A 225 17.44 -6.80 3.05
CA THR A 225 16.77 -7.00 1.75
C THR A 225 15.56 -7.94 1.81
N GLU A 226 15.69 -8.94 2.67
CA GLU A 226 14.70 -9.99 2.92
C GLU A 226 13.51 -9.40 3.65
N LEU A 227 13.87 -8.57 4.59
CA LEU A 227 12.89 -7.75 5.28
C LEU A 227 12.10 -6.91 4.28
N MET A 228 12.86 -6.31 3.36
CA MET A 228 12.34 -5.58 2.20
C MET A 228 11.36 -6.33 1.30
N ARG A 229 11.66 -7.57 0.95
CA ARG A 229 10.79 -8.40 0.09
C ARG A 229 9.44 -8.63 0.78
N LEU A 230 9.51 -9.04 2.04
CA LEU A 230 8.36 -9.23 2.94
C LEU A 230 7.56 -7.96 3.18
N TYR A 231 8.27 -6.88 3.41
CA TYR A 231 7.61 -5.59 3.52
C TYR A 231 6.77 -5.18 2.30
N LEU A 232 7.44 -4.92 1.20
CA LEU A 232 6.86 -4.60 -0.13
C LEU A 232 5.69 -5.51 -0.55
N THR A 233 5.68 -6.78 -0.10
CA THR A 233 4.63 -7.79 -0.45
C THR A 233 3.37 -7.72 0.41
N ILE A 234 3.55 -7.71 1.72
CA ILE A 234 2.39 -7.61 2.61
C ILE A 234 1.69 -6.26 2.60
N HIS A 235 2.34 -5.21 2.10
CA HIS A 235 1.75 -3.85 2.06
C HIS A 235 1.14 -3.59 0.70
N SER A 236 1.35 -4.56 -0.16
CA SER A 236 0.92 -4.53 -1.55
C SER A 236 -0.43 -3.86 -1.73
N ASP A 237 -1.38 -4.56 -1.19
CA ASP A 237 -2.77 -4.31 -1.49
C ASP A 237 -3.63 -4.59 -0.26
N HIS A 238 -4.74 -3.90 -0.12
CA HIS A 238 -5.65 -4.09 1.02
C HIS A 238 -7.10 -3.77 0.72
N GLU A 239 -7.60 -4.52 -0.22
CA GLU A 239 -8.88 -4.30 -0.89
C GLU A 239 -9.00 -2.87 -1.39
N GLY A 240 -10.12 -2.47 -1.90
CA GLY A 240 -10.15 -1.18 -2.59
C GLY A 240 -10.71 -0.08 -1.71
N GLY A 241 -11.29 -0.53 -0.62
CA GLY A 241 -11.99 0.34 0.32
C GLY A 241 -11.13 1.36 1.04
N ASN A 242 -9.84 1.12 1.14
CA ASN A 242 -8.93 2.00 1.92
C ASN A 242 -8.53 3.23 1.13
N VAL A 243 -8.22 4.27 1.86
CA VAL A 243 -8.11 5.59 1.28
C VAL A 243 -7.16 5.65 0.10
N SER A 244 -6.04 5.00 0.20
CA SER A 244 -5.11 5.16 -0.90
C SER A 244 -5.58 4.48 -2.18
N ALA A 245 -6.18 3.33 -2.00
CA ALA A 245 -6.62 2.53 -3.16
C ALA A 245 -7.86 3.16 -3.75
N HIS A 246 -8.63 3.67 -2.85
CA HIS A 246 -9.87 4.26 -3.26
C HIS A 246 -9.63 5.60 -3.94
N THR A 247 -8.64 6.30 -3.46
CA THR A 247 -8.24 7.52 -4.19
C THR A 247 -7.82 7.24 -5.62
N SER A 248 -6.89 6.33 -5.79
CA SER A 248 -6.38 6.03 -7.13
C SER A 248 -7.50 5.55 -8.03
N HIS A 249 -8.40 4.82 -7.40
CA HIS A 249 -9.55 4.24 -8.08
C HIS A 249 -10.50 5.31 -8.58
N LEU A 250 -10.79 6.24 -7.71
CA LEU A 250 -11.61 7.42 -7.96
C LEU A 250 -11.06 8.33 -9.07
N VAL A 251 -9.79 8.56 -9.00
CA VAL A 251 -9.16 9.56 -9.85
C VAL A 251 -8.86 8.93 -11.21
N GLY A 252 -8.47 7.66 -11.13
CA GLY A 252 -8.35 6.69 -12.22
C GLY A 252 -9.58 6.67 -13.13
N SER A 253 -10.74 6.66 -12.50
CA SER A 253 -12.05 6.53 -13.15
C SER A 253 -12.48 7.71 -14.02
N ALA A 254 -11.81 8.83 -13.80
CA ALA A 254 -11.95 10.05 -14.61
C ALA A 254 -11.04 10.03 -15.84
N LEU A 255 -10.37 8.89 -16.01
CA LEU A 255 -9.26 8.59 -16.95
C LEU A 255 -8.10 9.58 -16.86
N SER A 256 -7.77 9.95 -15.61
CA SER A 256 -6.44 10.47 -15.20
C SER A 256 -5.46 9.32 -15.31
N ASP A 257 -4.30 9.60 -15.86
CA ASP A 257 -3.30 8.56 -16.12
C ASP A 257 -2.77 7.95 -14.82
N PRO A 258 -2.13 6.81 -14.90
CA PRO A 258 -1.52 6.08 -13.77
C PRO A 258 -0.49 6.78 -12.88
N TYR A 259 0.14 7.80 -13.37
CA TYR A 259 0.99 8.59 -12.48
C TYR A 259 0.16 9.54 -11.64
N LEU A 260 -0.71 10.25 -12.31
CA LEU A 260 -1.60 11.17 -11.61
C LEU A 260 -2.43 10.46 -10.56
N SER A 261 -3.00 9.35 -10.93
CA SER A 261 -3.90 8.71 -9.99
C SER A 261 -3.14 8.13 -8.79
N PHE A 262 -1.90 7.77 -9.03
CA PHE A 262 -1.04 7.17 -7.98
C PHE A 262 -0.58 8.24 -7.01
N ALA A 263 -0.24 9.38 -7.54
CA ALA A 263 0.22 10.41 -6.63
C ALA A 263 -0.91 11.00 -5.79
N ALA A 264 -2.13 10.99 -6.34
CA ALA A 264 -3.32 11.26 -5.52
C ALA A 264 -3.46 10.27 -4.37
N ALA A 265 -3.19 9.01 -4.66
CA ALA A 265 -3.19 7.90 -3.69
C ALA A 265 -2.19 8.10 -2.55
N MET A 266 -1.13 8.76 -2.94
CA MET A 266 -0.05 9.19 -2.06
C MET A 266 -0.44 10.34 -1.14
N ASN A 267 -1.17 11.30 -1.64
CA ASN A 267 -1.56 12.29 -0.65
C ASN A 267 -2.67 11.78 0.24
N GLY A 268 -3.15 10.58 -0.05
CA GLY A 268 -4.03 9.80 0.84
C GLY A 268 -3.22 9.01 1.87
N LEU A 269 -2.18 8.36 1.40
CA LEU A 269 -1.35 7.51 2.27
C LEU A 269 -0.62 8.35 3.30
N ALA A 270 -0.44 9.61 2.96
CA ALA A 270 0.22 10.52 3.90
C ALA A 270 -0.75 11.11 4.92
N GLY A 271 -1.95 10.58 4.92
CA GLY A 271 -2.89 10.85 6.03
C GLY A 271 -2.49 10.24 7.38
N PRO A 272 -2.52 10.99 8.47
CA PRO A 272 -2.19 10.41 9.80
C PRO A 272 -3.01 9.17 10.14
N LEU A 273 -4.20 9.20 9.65
CA LEU A 273 -5.18 8.18 9.96
C LEU A 273 -5.02 7.03 9.00
N HIS A 274 -4.16 7.23 8.04
CA HIS A 274 -3.87 6.18 7.08
C HIS A 274 -2.41 5.73 7.22
N GLY A 275 -1.67 5.58 6.13
CA GLY A 275 -0.29 5.08 6.13
C GLY A 275 0.72 5.90 6.93
N LEU A 276 0.50 7.21 7.11
CA LEU A 276 1.41 8.00 8.00
C LEU A 276 1.47 7.49 9.45
N ALA A 277 0.66 6.50 9.81
CA ALA A 277 0.75 5.91 11.17
C ALA A 277 2.02 5.14 11.46
N ASN A 278 2.64 4.75 10.36
CA ASN A 278 3.91 4.05 10.35
C ASN A 278 4.80 4.81 11.28
N GLN A 279 4.92 6.03 10.81
CA GLN A 279 5.86 7.02 11.24
C GLN A 279 5.49 7.37 12.66
N GLU A 280 4.16 7.50 12.79
CA GLU A 280 3.46 8.04 13.96
C GLU A 280 3.64 7.12 15.16
N VAL A 281 3.60 5.83 14.88
CA VAL A 281 4.00 4.80 15.85
C VAL A 281 5.37 5.03 16.49
N LEU A 282 6.37 5.26 15.66
CA LEU A 282 7.78 5.46 16.05
C LEU A 282 8.07 6.77 16.79
N VAL A 283 7.42 7.80 16.34
CA VAL A 283 7.43 9.08 17.06
C VAL A 283 6.82 8.91 18.44
N TRP A 284 5.76 8.13 18.51
CA TRP A 284 5.06 7.84 19.77
C TRP A 284 5.89 6.97 20.72
N LEU A 285 6.44 5.92 20.20
CA LEU A 285 7.38 5.06 20.93
C LEU A 285 8.59 5.83 21.45
N THR A 286 9.11 6.61 20.56
CA THR A 286 10.34 7.33 20.84
C THR A 286 10.16 8.29 21.97
N GLN A 287 9.04 8.98 21.91
CA GLN A 287 8.66 9.84 22.99
C GLN A 287 8.42 9.09 24.30
N LEU A 288 7.76 7.96 24.19
CA LEU A 288 7.41 7.08 25.31
C LEU A 288 8.72 6.73 26.02
N GLN A 289 9.65 6.20 25.33
CA GLN A 289 10.97 5.91 25.81
C GLN A 289 11.70 7.09 26.52
N LYS A 290 11.64 8.26 25.97
CA LYS A 290 12.19 9.50 26.59
C LYS A 290 11.41 9.95 27.80
N GLU A 291 10.18 10.02 27.53
CA GLU A 291 9.26 10.62 28.47
C GLU A 291 8.86 9.64 29.55
N VAL A 292 8.65 8.45 29.19
CA VAL A 292 8.30 7.35 30.07
C VAL A 292 9.50 6.45 30.31
N GLY A 293 10.57 6.71 29.61
CA GLY A 293 11.81 6.12 30.17
C GLY A 293 12.00 4.69 29.68
N LYS A 294 13.22 4.30 29.44
CA LYS A 294 13.70 2.93 29.16
C LYS A 294 12.83 1.69 29.44
N ASP A 295 12.95 1.07 30.61
CA ASP A 295 12.25 -0.19 30.92
C ASP A 295 11.10 0.01 31.91
N VAL A 296 9.97 0.30 31.32
CA VAL A 296 8.81 0.69 32.10
C VAL A 296 8.06 -0.56 32.51
N SER A 297 7.21 -0.35 33.44
CA SER A 297 6.28 -1.37 33.87
C SER A 297 4.98 -1.34 33.09
N ASP A 298 4.25 -2.45 33.18
CA ASP A 298 2.88 -2.53 32.69
C ASP A 298 1.97 -1.53 33.41
N GLU A 299 2.47 -0.89 34.45
CA GLU A 299 1.65 0.08 35.18
C GLU A 299 1.96 1.51 34.75
N LYS A 300 3.21 1.74 34.45
CA LYS A 300 3.53 3.08 33.99
C LYS A 300 3.13 3.31 32.54
N LEU A 301 3.25 2.24 31.71
CA LEU A 301 2.95 1.88 30.27
C LEU A 301 1.53 2.19 29.89
N ARG A 302 0.70 1.92 30.85
CA ARG A 302 -0.71 2.30 30.87
C ARG A 302 -0.97 3.76 31.20
N ASP A 303 -0.11 4.35 32.02
CA ASP A 303 -0.23 5.79 32.32
C ASP A 303 0.05 6.66 31.10
N TYR A 304 0.96 6.18 30.30
CA TYR A 304 1.33 6.82 29.03
C TYR A 304 0.22 6.73 27.98
N ILE A 305 -0.26 5.53 27.77
CA ILE A 305 -1.46 5.29 26.97
C ILE A 305 -2.68 6.10 27.41
N TRP A 306 -2.95 6.22 28.71
CA TRP A 306 -4.09 7.09 29.10
C TRP A 306 -3.87 8.58 28.92
N ASN A 307 -2.66 8.97 29.03
CA ASN A 307 -2.34 10.37 28.82
C ASN A 307 -2.58 10.75 27.36
N THR A 308 -2.42 9.83 26.49
CA THR A 308 -2.83 10.08 25.10
C THR A 308 -4.34 10.14 24.84
N LEU A 309 -5.10 9.14 25.28
CA LEU A 309 -6.57 9.06 25.12
C LEU A 309 -7.29 10.24 25.78
N ASN A 310 -6.83 10.55 26.97
CA ASN A 310 -7.29 11.71 27.76
C ASN A 310 -6.91 13.05 27.13
N SER A 311 -6.01 13.04 26.13
CA SER A 311 -5.62 14.24 25.36
C SER A 311 -6.34 14.44 24.03
N GLY A 312 -7.28 13.56 23.77
CA GLY A 312 -8.11 13.60 22.57
C GLY A 312 -7.23 13.35 21.35
N ARG A 313 -6.20 12.55 21.61
CA ARG A 313 -5.30 11.97 20.61
C ARG A 313 -5.68 10.50 20.44
N VAL A 314 -5.12 9.93 19.41
CA VAL A 314 -5.30 8.54 19.02
C VAL A 314 -4.03 7.74 19.29
N VAL A 315 -4.20 6.46 19.62
CA VAL A 315 -3.05 5.56 19.79
C VAL A 315 -2.64 4.89 18.48
N PRO A 316 -1.46 5.19 18.00
CA PRO A 316 -1.17 4.97 16.58
C PRO A 316 -1.05 3.48 16.26
N GLY A 317 -1.46 3.07 15.11
CA GLY A 317 -1.08 1.69 14.83
C GLY A 317 -2.04 0.68 15.46
N TYR A 318 -3.02 1.19 16.18
CA TYR A 318 -4.12 0.40 16.74
C TYR A 318 -5.47 0.77 16.17
N GLY A 319 -6.22 -0.26 15.89
CA GLY A 319 -7.52 -0.11 15.29
C GLY A 319 -7.47 -0.35 13.80
N HIS A 320 -8.65 -0.41 13.25
CA HIS A 320 -8.89 -0.62 11.83
C HIS A 320 -10.36 -0.37 11.49
N ALA A 321 -10.64 0.16 10.33
CA ALA A 321 -12.03 0.36 9.91
C ALA A 321 -12.82 -0.87 9.47
N VAL A 322 -12.19 -2.01 9.19
CA VAL A 322 -12.90 -3.26 8.79
C VAL A 322 -12.49 -4.53 9.57
N LEU A 323 -11.21 -4.71 9.83
CA LEU A 323 -10.72 -5.86 10.61
C LEU A 323 -11.25 -5.72 12.01
N ARG A 324 -11.60 -6.83 12.60
CA ARG A 324 -12.15 -6.87 13.94
C ARG A 324 -11.34 -7.75 14.88
N LYS A 325 -10.23 -8.20 14.31
CA LYS A 325 -9.11 -8.87 14.99
C LYS A 325 -7.74 -8.30 14.63
N THR A 326 -6.73 -8.95 15.15
CA THR A 326 -5.36 -8.55 14.91
C THR A 326 -5.03 -8.75 13.45
N ASP A 327 -4.51 -7.71 12.87
CA ASP A 327 -4.00 -7.78 11.52
C ASP A 327 -3.01 -8.94 11.35
N PRO A 328 -3.28 -9.87 10.46
CA PRO A 328 -2.27 -10.87 10.04
C PRO A 328 -0.96 -10.26 9.56
N ARG A 329 -1.00 -9.02 9.07
CA ARG A 329 0.22 -8.29 8.65
C ARG A 329 1.00 -7.82 9.88
N TYR A 330 0.29 -7.77 11.00
CA TYR A 330 0.90 -7.53 12.31
C TYR A 330 1.63 -8.79 12.78
N THR A 331 0.92 -9.89 12.81
CA THR A 331 1.44 -11.23 13.16
C THR A 331 2.66 -11.64 12.36
N CYS A 332 2.55 -11.36 11.07
CA CYS A 332 3.60 -11.66 10.10
C CYS A 332 4.87 -10.89 10.40
N GLN A 333 4.71 -9.63 10.78
CA GLN A 333 5.84 -8.79 11.23
C GLN A 333 6.49 -9.19 12.55
N ARG A 334 5.64 -9.56 13.49
CA ARG A 334 5.98 -10.21 14.76
C ARG A 334 6.75 -11.52 14.64
N GLU A 335 6.46 -12.24 13.61
CA GLU A 335 7.14 -13.52 13.45
C GLU A 335 8.59 -13.26 13.06
N PHE A 336 8.68 -12.36 12.11
CA PHE A 336 9.97 -11.99 11.59
C PHE A 336 10.82 -11.57 12.78
N ALA A 337 10.21 -10.85 13.70
CA ALA A 337 11.01 -10.18 14.74
C ALA A 337 11.48 -11.19 15.76
N LEU A 338 10.58 -12.12 16.00
CA LEU A 338 10.83 -13.31 16.83
C LEU A 338 11.96 -14.13 16.27
N LYS A 339 12.06 -14.04 14.97
CA LYS A 339 13.04 -14.83 14.21
C LYS A 339 14.36 -14.10 14.09
N HIS A 340 14.30 -12.83 13.86
CA HIS A 340 15.56 -12.20 13.52
C HIS A 340 16.12 -11.19 14.52
N LEU A 341 15.21 -10.50 15.15
CA LEU A 341 15.52 -9.45 16.15
C LEU A 341 14.84 -9.56 17.52
N PRO A 342 14.85 -10.71 18.17
CA PRO A 342 14.05 -10.93 19.41
C PRO A 342 14.49 -10.13 20.63
N HIS A 343 15.72 -9.68 20.65
CA HIS A 343 16.26 -9.07 21.87
C HIS A 343 16.24 -7.56 21.78
N ASP A 344 15.79 -7.12 20.65
CA ASP A 344 15.64 -5.70 20.41
C ASP A 344 14.63 -5.00 21.34
N PRO A 345 15.15 -4.04 22.08
CA PRO A 345 14.40 -3.25 23.07
C PRO A 345 13.12 -2.65 22.53
N MET A 346 13.19 -2.15 21.33
CA MET A 346 12.01 -1.51 20.76
C MET A 346 10.91 -2.52 20.46
N PHE A 347 11.38 -3.67 20.04
CA PHE A 347 10.56 -4.86 19.75
C PHE A 347 9.88 -5.29 21.03
N LYS A 348 10.66 -5.31 22.07
CA LYS A 348 10.18 -5.85 23.33
C LYS A 348 9.09 -4.94 23.89
N LEU A 349 9.27 -3.67 23.61
CA LEU A 349 8.28 -2.64 23.91
C LEU A 349 6.97 -2.78 23.13
N VAL A 350 7.09 -3.00 21.83
CA VAL A 350 5.98 -3.25 20.90
C VAL A 350 5.24 -4.53 21.29
N ALA A 351 6.02 -5.50 21.74
CA ALA A 351 5.42 -6.74 22.26
C ALA A 351 4.66 -6.54 23.57
N GLN A 352 5.08 -5.57 24.36
CA GLN A 352 4.45 -5.28 25.66
C GLN A 352 3.23 -4.37 25.54
N LEU A 353 3.21 -3.62 24.47
CA LEU A 353 2.10 -2.75 24.06
C LEU A 353 0.88 -3.54 23.59
N TYR A 354 1.17 -4.55 22.78
CA TYR A 354 0.26 -5.67 22.47
C TYR A 354 -0.34 -6.32 23.71
N LYS A 355 0.38 -6.25 24.80
CA LYS A 355 -0.18 -6.75 26.06
C LYS A 355 -1.16 -5.81 26.74
N ILE A 356 -0.96 -4.53 26.53
CA ILE A 356 -1.60 -3.46 27.28
C ILE A 356 -2.64 -2.60 26.55
N VAL A 357 -2.27 -2.04 25.39
CA VAL A 357 -3.15 -1.22 24.51
C VAL A 357 -4.55 -1.77 24.26
N PRO A 358 -4.72 -2.94 23.69
CA PRO A 358 -6.06 -3.50 23.49
C PRO A 358 -6.91 -3.62 24.75
N ASN A 359 -6.30 -3.87 25.89
CA ASN A 359 -7.06 -3.80 27.18
C ASN A 359 -7.42 -2.38 27.61
N VAL A 360 -6.54 -1.45 27.35
CA VAL A 360 -6.81 -0.03 27.62
C VAL A 360 -7.88 0.56 26.69
N LEU A 361 -7.83 0.10 25.46
CA LEU A 361 -8.80 0.46 24.44
C LEU A 361 -10.17 -0.15 24.71
N LEU A 362 -10.20 -1.27 25.42
CA LEU A 362 -11.40 -2.10 25.69
C LEU A 362 -12.17 -1.55 26.90
N GLU A 363 -11.34 -1.17 27.86
CA GLU A 363 -11.67 -0.27 28.99
C GLU A 363 -12.28 1.07 28.58
N GLN A 364 -11.68 1.76 27.61
CA GLN A 364 -12.23 3.07 27.24
C GLN A 364 -13.58 2.99 26.52
N GLY A 365 -13.88 1.79 26.07
CA GLY A 365 -15.17 1.41 25.45
C GLY A 365 -15.48 2.17 24.17
N LYS A 366 -14.45 2.63 23.54
CA LYS A 366 -14.65 3.44 22.35
C LYS A 366 -14.39 2.65 21.07
N ALA A 367 -13.25 1.98 21.10
CA ALA A 367 -12.72 1.41 19.86
C ALA A 367 -13.52 0.18 19.51
N LYS A 368 -13.92 0.06 18.28
CA LYS A 368 -14.63 -1.15 17.88
C LYS A 368 -13.66 -2.27 17.57
N ASN A 369 -12.46 -1.88 17.17
CA ASN A 369 -11.32 -2.80 16.98
C ASN A 369 -10.11 -2.45 17.85
N PRO A 370 -9.99 -2.93 19.08
CA PRO A 370 -8.85 -2.59 19.96
C PRO A 370 -7.52 -3.21 19.54
N TRP A 371 -7.50 -3.90 18.42
CA TRP A 371 -6.32 -4.67 18.01
C TRP A 371 -5.40 -3.90 17.08
N PRO A 372 -4.15 -4.30 17.03
CA PRO A 372 -3.11 -3.68 16.20
C PRO A 372 -3.27 -3.99 14.70
N ASN A 373 -2.81 -3.06 13.88
CA ASN A 373 -2.83 -3.14 12.42
C ASN A 373 -1.41 -3.16 11.89
N VAL A 374 -1.23 -3.18 10.59
CA VAL A 374 0.13 -3.32 10.08
C VAL A 374 1.11 -2.29 10.61
N ASP A 375 0.60 -1.09 10.78
CA ASP A 375 1.44 0.05 11.11
C ASP A 375 2.04 -0.04 12.50
N ALA A 376 1.37 -0.77 13.38
CA ALA A 376 1.84 -0.96 14.76
C ALA A 376 3.22 -1.60 14.88
N HIS A 377 3.57 -2.43 13.91
CA HIS A 377 4.74 -3.32 13.98
C HIS A 377 5.83 -3.02 12.95
N SER A 378 5.50 -2.19 12.00
CA SER A 378 6.42 -2.05 10.87
C SER A 378 7.75 -1.35 11.15
N GLY A 379 7.71 -0.19 11.76
CA GLY A 379 8.90 0.66 11.91
C GLY A 379 10.01 0.07 12.78
N VAL A 380 9.61 -0.77 13.70
CA VAL A 380 10.52 -1.42 14.66
C VAL A 380 11.54 -2.32 13.99
N LEU A 381 11.09 -2.89 12.89
CA LEU A 381 11.92 -3.71 12.00
C LEU A 381 12.92 -2.87 11.22
N LEU A 382 12.48 -1.72 10.73
CA LEU A 382 13.35 -0.85 9.93
C LEU A 382 14.46 -0.24 10.77
N GLN A 383 14.05 0.28 11.90
CA GLN A 383 14.88 0.79 12.98
C GLN A 383 16.10 -0.11 13.17
N TYR A 384 15.80 -1.40 13.30
CA TYR A 384 16.82 -2.42 13.65
C TYR A 384 17.96 -2.52 12.66
N TYR A 385 17.61 -2.47 11.43
CA TYR A 385 18.65 -2.55 10.44
C TYR A 385 19.30 -1.19 10.14
N GLY A 386 19.09 -0.16 10.98
CA GLY A 386 19.73 1.19 10.80
C GLY A 386 18.92 2.18 9.99
N MET A 387 17.77 1.73 9.59
CA MET A 387 16.82 2.66 9.02
C MET A 387 16.07 3.42 10.12
N THR A 388 16.74 4.35 10.73
CA THR A 388 16.19 5.13 11.84
C THR A 388 15.44 6.41 11.49
N GLU A 389 15.42 6.80 10.23
CA GLU A 389 14.71 8.04 9.81
C GLU A 389 13.24 7.84 9.46
N MET A 390 12.47 7.82 10.53
CA MET A 390 11.05 7.46 10.64
C MET A 390 10.11 8.33 9.79
N ASN A 391 10.56 9.52 9.42
CA ASN A 391 9.79 10.35 8.49
C ASN A 391 9.74 9.80 7.07
N TYR A 392 10.46 8.74 6.78
CA TYR A 392 10.55 8.18 5.42
C TYR A 392 9.72 6.90 5.22
N TYR A 393 9.39 6.31 6.34
CA TYR A 393 8.74 4.99 6.43
C TYR A 393 7.51 4.83 5.54
N THR A 394 6.72 5.88 5.45
CA THR A 394 5.45 5.86 4.69
C THR A 394 5.67 5.73 3.17
N VAL A 395 6.84 6.18 2.77
CA VAL A 395 7.30 6.07 1.39
C VAL A 395 7.55 4.61 1.07
N LEU A 396 8.05 3.85 2.02
CA LEU A 396 8.20 2.42 1.72
C LEU A 396 6.83 1.78 1.53
N PHE A 397 5.93 2.14 2.44
CA PHE A 397 4.52 1.71 2.36
C PHE A 397 3.98 2.12 0.99
N GLY A 398 4.43 3.27 0.58
CA GLY A 398 4.03 3.88 -0.70
C GLY A 398 4.56 3.13 -1.92
N VAL A 399 5.78 2.67 -1.84
CA VAL A 399 6.33 1.92 -2.97
C VAL A 399 5.64 0.57 -3.11
N SER A 400 5.34 -0.02 -1.99
CA SER A 400 4.73 -1.34 -1.96
C SER A 400 3.30 -1.38 -2.46
N ARG A 401 2.54 -0.39 -1.97
CA ARG A 401 1.13 -0.12 -2.30
C ARG A 401 0.81 0.09 -3.77
N ALA A 402 1.74 0.66 -4.53
CA ALA A 402 1.66 0.74 -6.00
C ALA A 402 1.33 -0.60 -6.64
N LEU A 403 1.86 -1.66 -6.07
CA LEU A 403 1.66 -2.99 -6.68
C LEU A 403 0.19 -3.40 -6.74
N GLY A 404 -0.53 -3.25 -5.64
CA GLY A 404 -1.97 -3.58 -5.57
C GLY A 404 -2.78 -2.56 -6.35
N VAL A 405 -2.40 -1.33 -6.17
CA VAL A 405 -3.23 -0.26 -6.72
C VAL A 405 -3.24 -0.16 -8.25
N LEU A 406 -2.12 -0.53 -8.84
CA LEU A 406 -1.90 -0.43 -10.30
C LEU A 406 -2.22 -1.79 -10.93
N ALA A 407 -2.24 -2.79 -10.08
CA ALA A 407 -2.77 -4.01 -10.64
C ALA A 407 -4.25 -3.87 -10.90
N GLN A 408 -4.95 -3.19 -10.01
CA GLN A 408 -6.41 -3.07 -10.15
C GLN A 408 -6.76 -2.07 -11.25
N LEU A 409 -5.88 -1.12 -11.43
CA LEU A 409 -6.16 -0.02 -12.36
C LEU A 409 -6.22 -0.54 -13.78
N ILE A 410 -5.41 -1.54 -14.03
CA ILE A 410 -5.39 -2.15 -15.37
C ILE A 410 -6.66 -2.93 -15.65
N TRP A 411 -7.18 -3.58 -14.62
CA TRP A 411 -8.47 -4.29 -14.70
C TRP A 411 -9.68 -3.37 -14.78
N SER A 412 -9.70 -2.39 -13.90
CA SER A 412 -10.74 -1.34 -13.92
C SER A 412 -11.00 -0.86 -15.33
N ARG A 413 -9.89 -0.71 -15.99
CA ARG A 413 -9.84 -0.12 -17.31
C ARG A 413 -10.06 -1.12 -18.43
N ALA A 414 -9.64 -2.34 -18.20
CA ALA A 414 -9.90 -3.40 -19.18
C ALA A 414 -11.34 -3.96 -19.18
N LEU A 415 -11.98 -3.80 -18.03
CA LEU A 415 -13.43 -3.97 -17.76
C LEU A 415 -14.31 -2.73 -17.99
N GLY A 416 -13.70 -1.63 -18.28
CA GLY A 416 -14.56 -0.50 -18.65
C GLY A 416 -15.45 0.00 -17.52
N PHE A 417 -14.93 -0.03 -16.29
CA PHE A 417 -15.53 0.67 -15.13
C PHE A 417 -15.63 2.18 -15.34
N PRO A 418 -16.82 2.68 -15.13
CA PRO A 418 -17.22 4.10 -15.28
C PRO A 418 -16.55 5.06 -14.29
N LEU A 419 -16.77 6.33 -14.57
CA LEU A 419 -16.61 7.44 -13.63
C LEU A 419 -17.19 7.20 -12.22
N GLU A 420 -16.39 7.12 -11.19
CA GLU A 420 -17.01 6.91 -9.89
C GLU A 420 -17.70 8.20 -9.42
N ARG A 421 -18.98 8.17 -9.40
CA ARG A 421 -19.66 9.43 -9.08
C ARG A 421 -20.89 9.20 -8.23
N PRO A 422 -20.72 8.99 -6.90
CA PRO A 422 -21.85 8.84 -5.95
C PRO A 422 -22.68 10.12 -5.89
N LYS A 423 -23.76 10.03 -5.13
CA LYS A 423 -24.61 11.18 -4.80
C LYS A 423 -24.37 11.64 -3.36
N SER A 424 -24.42 12.94 -3.16
CA SER A 424 -24.27 13.59 -1.85
C SER A 424 -25.54 14.29 -1.34
N MET A 425 -25.61 14.41 -0.04
CA MET A 425 -26.62 15.25 0.59
C MET A 425 -26.04 16.09 1.71
N SER A 426 -26.67 17.20 1.89
CA SER A 426 -26.46 18.01 3.06
C SER A 426 -27.37 17.41 4.13
N THR A 427 -26.97 17.57 5.35
CA THR A 427 -27.82 17.27 6.49
C THR A 427 -29.23 17.82 6.30
N ASP A 428 -29.32 19.04 5.77
CA ASP A 428 -30.62 19.68 5.52
C ASP A 428 -31.53 18.79 4.70
N GLY A 429 -31.02 18.37 3.56
CA GLY A 429 -31.79 17.55 2.61
C GLY A 429 -32.10 16.18 3.18
N LEU A 430 -31.16 15.69 3.95
CA LEU A 430 -31.25 14.40 4.64
C LEU A 430 -32.36 14.38 5.67
N ILE A 431 -32.36 15.42 6.48
CA ILE A 431 -33.34 15.63 7.53
C ILE A 431 -34.74 15.72 6.94
N LYS A 432 -34.85 16.41 5.82
CA LYS A 432 -36.12 16.48 5.08
C LYS A 432 -36.44 15.18 4.37
N LEU A 433 -35.46 14.48 3.86
CA LEU A 433 -35.77 13.21 3.16
C LEU A 433 -36.32 12.10 4.06
N VAL A 434 -35.51 11.43 4.85
CA VAL A 434 -36.01 10.23 5.57
C VAL A 434 -37.27 10.44 6.41
N ASP A 435 -37.30 11.43 7.29
CA ASP A 435 -38.37 11.77 8.22
C ASP A 435 -39.45 12.66 7.63
N SER A 436 -39.07 13.86 7.23
CA SER A 436 -39.96 14.92 6.70
C SER A 436 -40.80 14.45 5.53
N LYS A 437 -40.18 13.66 4.69
CA LYS A 437 -40.87 13.07 3.55
C LYS A 437 -41.37 11.65 3.88
#